data_7VWH
#
_entry.id   7VWH
#
_cell.length_a   39.588
_cell.length_b   94.139
_cell.length_c   96.184
_cell.angle_alpha   90.000
_cell.angle_beta   96.635
_cell.angle_gamma   90.000
#
_symmetry.space_group_name_H-M   'P 1 21 1'
#
loop_
_entity.id
_entity.type
_entity.pdbx_description
1 polymer 'Peroxisome proliferator-activated receptor delta'
2 non-polymer '(2S)-2-[[4-hexoxy-3-[[[4-(trifluoromethyl)phenyl]carbonylamino]methyl]phenyl]methyl]butanoic acid'
3 non-polymer 'heptyl beta-D-glucopyranoside'
4 water water
#
_entity_poly.entity_id   1
_entity_poly.type   'polypeptide(L)'
_entity_poly.pdbx_seq_one_letter_code
;GSHMPQVADLKAFSKHIYNAYLKNFNMTKKKARSILTGKASHTAPFVIHDIETLWQAEKGLVWKQLVNGLPPYKEISVHV
FYRCQCTTVETVRELTEFAKSIPSFSSLFLNDQVTLLKYGVHEAIFAMLASIVNKDGLLVANGSGFVTREFLRSLRKPFS
DIIEPKFEFAVKFNALELDDSDLALFIAAIILCGDRPGLMNVPRVEAIQDTILRALEFHLQANHPDAQYLFPKLLQKMAD
LRQLVTEHAQMMQRIKKTETETSLHPLLQEIYKDMY
;
_entity_poly.pdbx_strand_id   A,B
#
# COMPACT_ATOMS: atom_id res chain seq x y z
N ASP A 9 0.93 6.05 -28.90
CA ASP A 9 0.35 6.36 -27.59
C ASP A 9 -0.43 5.16 -27.05
N LEU A 10 -1.46 4.74 -27.78
CA LEU A 10 -2.23 3.58 -27.32
C LEU A 10 -1.49 2.29 -27.57
N LYS A 11 -0.76 2.19 -28.69
CA LYS A 11 0.17 1.08 -28.86
C LYS A 11 1.28 1.16 -27.83
N ALA A 12 1.79 2.37 -27.59
CA ALA A 12 2.83 2.55 -26.58
C ALA A 12 2.31 2.16 -25.20
N PHE A 13 1.04 2.44 -24.93
CA PHE A 13 0.44 2.02 -23.67
C PHE A 13 0.45 0.51 -23.53
N SER A 14 0.03 -0.19 -24.59
CA SER A 14 0.00 -1.66 -24.56
C SER A 14 1.42 -2.23 -24.46
N LYS A 15 2.36 -1.68 -25.23
CA LYS A 15 3.73 -2.16 -25.18
C LYS A 15 4.31 -2.01 -23.77
N HIS A 16 3.99 -0.92 -23.09
CA HIS A 16 4.50 -0.74 -21.72
C HIS A 16 3.91 -1.78 -20.77
N ILE A 17 2.60 -2.04 -20.88
CA ILE A 17 1.96 -3.05 -20.05
C ILE A 17 2.54 -4.43 -20.35
N TYR A 18 2.73 -4.73 -21.63
CA TYR A 18 3.30 -6.01 -22.03
C TYR A 18 4.68 -6.21 -21.45
N ASN A 19 5.50 -5.15 -21.42
CA ASN A 19 6.86 -5.28 -20.90
C ASN A 19 6.86 -5.44 -19.39
N ALA A 20 5.93 -4.75 -18.70
CA ALA A 20 5.81 -4.92 -17.27
C ALA A 20 5.32 -6.32 -16.92
N TYR A 21 4.61 -6.96 -17.85
CA TYR A 21 4.14 -8.33 -17.72
C TYR A 21 5.28 -9.33 -17.89
N LEU A 22 6.03 -9.21 -18.98
CA LEU A 22 7.18 -10.09 -19.20
C LEU A 22 8.25 -9.89 -18.13
N LYS A 23 8.39 -8.67 -17.63
CA LYS A 23 9.38 -8.37 -16.61
C LYS A 23 9.03 -9.01 -15.26
N ASN A 24 7.75 -9.13 -14.92
CA ASN A 24 7.35 -9.47 -13.56
C ASN A 24 6.77 -10.86 -13.36
N PHE A 25 6.39 -11.56 -14.44
CA PHE A 25 5.80 -12.89 -14.32
C PHE A 25 6.80 -13.93 -14.82
N ASN A 26 7.24 -14.80 -13.91
CA ASN A 26 8.33 -15.73 -14.24
C ASN A 26 7.91 -16.74 -15.29
N MET A 27 6.67 -17.23 -15.21
CA MET A 27 6.14 -18.18 -16.17
C MET A 27 5.15 -17.47 -17.10
N THR A 28 5.44 -17.49 -18.40
CA THR A 28 4.53 -16.96 -19.41
C THR A 28 3.72 -18.09 -20.03
N LYS A 29 2.64 -17.72 -20.71
CA LYS A 29 1.79 -18.72 -21.34
C LYS A 29 2.52 -19.42 -22.48
N LYS A 30 3.35 -18.67 -23.21
CA LYS A 30 4.20 -19.24 -24.25
C LYS A 30 5.11 -20.32 -23.67
N LYS A 31 5.85 -20.00 -22.60
CA LYS A 31 6.66 -21.01 -21.92
C LYS A 31 5.81 -22.20 -21.49
N ALA A 32 4.71 -21.94 -20.79
CA ALA A 32 3.87 -23.02 -20.29
C ALA A 32 3.38 -23.91 -21.41
N ARG A 33 2.97 -23.32 -22.54
CA ARG A 33 2.48 -24.11 -23.66
C ARG A 33 3.60 -24.90 -24.32
N SER A 34 4.85 -24.43 -24.23
CA SER A 34 5.98 -25.21 -24.71
C SER A 34 6.18 -26.46 -23.87
N ILE A 35 6.14 -26.29 -22.54
CA ILE A 35 6.27 -27.43 -21.63
C ILE A 35 5.13 -28.42 -21.85
N LEU A 36 3.89 -27.93 -21.80
CA LEU A 36 2.73 -28.82 -21.90
C LEU A 36 2.59 -29.50 -23.26
N THR A 37 3.19 -28.95 -24.32
CA THR A 37 3.09 -29.57 -25.63
C THR A 37 4.26 -30.52 -25.93
N GLY A 38 5.49 -30.10 -25.65
CA GLY A 38 6.64 -30.96 -25.85
C GLY A 38 7.72 -30.37 -26.74
N LYS A 39 8.20 -29.17 -26.41
CA LYS A 39 9.26 -28.54 -27.19
C LYS A 39 10.63 -28.71 -26.56
N ALA A 44 10.54 -32.49 -19.70
CA ALA A 44 9.27 -33.14 -19.42
C ALA A 44 8.98 -33.18 -17.92
N PRO A 45 7.85 -32.59 -17.51
CA PRO A 45 7.57 -32.43 -16.08
C PRO A 45 7.24 -33.76 -15.40
N PHE A 46 7.68 -33.89 -14.15
CA PHE A 46 7.36 -35.07 -13.35
C PHE A 46 5.88 -35.07 -12.96
N VAL A 47 5.18 -36.15 -13.25
CA VAL A 47 3.74 -36.21 -13.11
C VAL A 47 3.37 -36.60 -11.67
N ILE A 48 2.62 -35.74 -10.99
CA ILE A 48 2.10 -36.01 -9.65
C ILE A 48 0.66 -36.46 -9.80
N HIS A 49 0.38 -37.73 -9.46
CA HIS A 49 -0.98 -38.25 -9.60
C HIS A 49 -1.47 -39.04 -8.40
N ASP A 50 -0.65 -39.22 -7.37
CA ASP A 50 -1.06 -39.95 -6.17
C ASP A 50 -0.11 -39.60 -5.03
N ILE A 51 -0.36 -40.23 -3.87
CA ILE A 51 0.42 -39.92 -2.67
C ILE A 51 1.90 -40.17 -2.90
N GLU A 52 2.23 -41.28 -3.56
CA GLU A 52 3.65 -41.63 -3.71
C GLU A 52 4.37 -40.68 -4.64
N THR A 53 3.75 -40.30 -5.76
CA THR A 53 4.40 -39.36 -6.67
C THR A 53 4.54 -37.98 -6.02
N LEU A 54 3.52 -37.57 -5.24
CA LEU A 54 3.63 -36.32 -4.50
C LEU A 54 4.83 -36.34 -3.56
N TRP A 55 5.00 -37.44 -2.81
CA TRP A 55 6.16 -37.53 -1.92
C TRP A 55 7.45 -37.46 -2.70
N GLN A 56 7.54 -38.20 -3.82
CA GLN A 56 8.74 -38.10 -4.64
C GLN A 56 9.00 -36.67 -5.08
N ALA A 57 7.93 -35.94 -5.45
CA ALA A 57 8.07 -34.56 -5.87
C ALA A 57 8.65 -33.68 -4.77
N GLU A 58 8.17 -33.84 -3.53
CA GLU A 58 8.71 -33.05 -2.43
C GLU A 58 10.15 -33.43 -2.11
N LYS A 59 10.55 -34.67 -2.36
CA LYS A 59 11.88 -35.14 -2.00
C LYS A 59 12.97 -34.69 -2.97
N GLY A 60 12.89 -33.46 -3.47
CA GLY A 60 13.92 -32.91 -4.33
C GLY A 60 13.70 -33.13 -5.81
N LEU A 61 12.83 -34.07 -6.20
CA LEU A 61 12.54 -34.25 -7.61
C LEU A 61 11.92 -33.01 -8.23
N VAL A 62 11.33 -32.14 -7.43
CA VAL A 62 10.55 -31.02 -7.95
C VAL A 62 10.76 -29.80 -7.05
N TRP A 63 10.79 -30.03 -5.75
CA TRP A 63 11.04 -28.95 -4.81
C TRP A 63 12.37 -29.15 -4.07
N LEU A 70 6.89 -23.92 5.31
CA LEU A 70 5.49 -24.33 5.38
C LEU A 70 5.12 -24.74 6.80
N PRO A 71 3.86 -24.49 7.19
CA PRO A 71 3.39 -24.91 8.52
C PRO A 71 3.57 -26.41 8.69
N PRO A 72 3.67 -26.89 9.93
CA PRO A 72 3.92 -28.32 10.15
C PRO A 72 2.88 -29.20 9.47
N TYR A 73 3.32 -30.41 9.11
CA TYR A 73 2.49 -31.31 8.33
C TYR A 73 1.28 -31.76 9.14
N LYS A 74 0.14 -31.90 8.48
CA LYS A 74 -1.04 -32.47 9.11
C LYS A 74 -1.56 -33.68 8.35
N GLU A 75 -1.69 -33.57 7.04
CA GLU A 75 -2.22 -34.63 6.19
C GLU A 75 -2.06 -34.18 4.75
N ILE A 76 -2.40 -35.07 3.84
CA ILE A 76 -2.08 -34.86 2.43
C ILE A 76 -2.91 -33.72 1.85
N SER A 77 -4.22 -33.73 2.10
CA SER A 77 -5.08 -32.71 1.52
C SER A 77 -4.75 -31.33 2.06
N VAL A 78 -4.35 -31.26 3.33
CA VAL A 78 -3.95 -29.98 3.90
C VAL A 78 -2.62 -29.53 3.32
N HIS A 79 -1.71 -30.48 3.09
CA HIS A 79 -0.41 -30.14 2.51
C HIS A 79 -0.59 -29.45 1.15
N VAL A 80 -1.41 -30.04 0.27
CA VAL A 80 -1.65 -29.45 -1.04
C VAL A 80 -2.35 -28.11 -0.91
N PHE A 81 -3.32 -28.02 0.01
CA PHE A 81 -3.96 -26.75 0.36
C PHE A 81 -2.93 -25.69 0.77
N TYR A 82 -1.90 -26.08 1.53
CA TYR A 82 -0.83 -25.14 1.86
C TYR A 82 -0.01 -24.76 0.64
N ARG A 83 0.28 -25.73 -0.24
CA ARG A 83 0.99 -25.39 -1.46
C ARG A 83 0.16 -24.45 -2.36
N CYS A 84 -1.16 -24.53 -2.28
CA CYS A 84 -2.00 -23.59 -3.04
C CYS A 84 -1.88 -22.19 -2.48
N GLN A 85 -1.83 -22.07 -1.16
CA GLN A 85 -1.63 -20.77 -0.54
C GLN A 85 -0.29 -20.18 -0.90
N CYS A 86 0.76 -21.01 -0.96
CA CYS A 86 2.09 -20.52 -1.28
C CYS A 86 2.14 -19.92 -2.68
N THR A 87 1.45 -20.55 -3.63
CA THR A 87 1.47 -20.01 -4.98
C THR A 87 0.69 -18.70 -5.08
N THR A 88 -0.37 -18.55 -4.26
CA THR A 88 -1.09 -17.28 -4.22
C THR A 88 -0.21 -16.18 -3.65
N VAL A 89 0.50 -16.47 -2.56
CA VAL A 89 1.37 -15.46 -1.95
C VAL A 89 2.43 -15.02 -2.94
N GLU A 90 3.06 -15.97 -3.62
CA GLU A 90 4.08 -15.61 -4.61
C GLU A 90 3.48 -14.85 -5.79
N THR A 91 2.26 -15.18 -6.20
CA THR A 91 1.70 -14.48 -7.35
C THR A 91 1.22 -13.07 -6.97
N VAL A 92 0.76 -12.89 -5.74
CA VAL A 92 0.44 -11.54 -5.26
C VAL A 92 1.67 -10.65 -5.30
N ARG A 93 2.84 -11.19 -4.94
CA ARG A 93 4.06 -10.39 -5.04
C ARG A 93 4.33 -9.95 -6.46
N GLU A 94 4.17 -10.85 -7.44
CA GLU A 94 4.41 -10.49 -8.83
C GLU A 94 3.35 -9.52 -9.34
N LEU A 95 2.09 -9.72 -8.94
CA LEU A 95 1.01 -8.82 -9.35
C LEU A 95 1.19 -7.45 -8.74
N THR A 96 1.74 -7.37 -7.53
CA THR A 96 1.99 -6.07 -6.92
C THR A 96 3.03 -5.30 -7.72
N GLU A 97 4.10 -5.97 -8.16
CA GLU A 97 5.14 -5.26 -8.92
C GLU A 97 4.66 -4.98 -10.34
N PHE A 98 3.87 -5.87 -10.92
CA PHE A 98 3.26 -5.60 -12.21
C PHE A 98 2.35 -4.38 -12.12
N ALA A 99 1.54 -4.30 -11.08
CA ALA A 99 0.63 -3.15 -10.93
C ALA A 99 1.41 -1.86 -10.76
N LYS A 100 2.45 -1.87 -9.93
CA LYS A 100 3.29 -0.70 -9.71
C LYS A 100 4.04 -0.26 -10.96
N SER A 101 4.09 -1.10 -11.99
CA SER A 101 4.70 -0.74 -13.26
C SER A 101 3.70 -0.25 -14.29
N ILE A 102 2.45 0.03 -13.89
CA ILE A 102 1.39 0.42 -14.81
C ILE A 102 1.20 1.93 -14.74
N PRO A 103 1.00 2.60 -15.89
CA PRO A 103 0.84 4.07 -15.91
C PRO A 103 -0.34 4.51 -15.07
N SER A 104 -0.04 5.26 -14.01
CA SER A 104 -0.97 5.94 -13.10
C SER A 104 -1.52 5.03 -12.02
N PHE A 105 -1.17 3.75 -12.00
CA PHE A 105 -1.43 2.95 -10.81
C PHE A 105 -0.59 3.44 -9.64
N SER A 106 0.70 3.70 -9.88
CA SER A 106 1.57 4.19 -8.83
C SER A 106 1.20 5.59 -8.37
N SER A 107 0.48 6.36 -9.20
CA SER A 107 0.09 7.71 -8.83
C SER A 107 -1.09 7.73 -7.87
N LEU A 108 -1.85 6.64 -7.78
CA LEU A 108 -2.89 6.57 -6.76
C LEU A 108 -2.26 6.53 -5.37
N PHE A 109 -3.06 6.90 -4.37
CA PHE A 109 -2.60 6.76 -3.00
C PHE A 109 -2.44 5.29 -2.66
N LEU A 110 -1.53 5.03 -1.72
CA LEU A 110 -1.15 3.67 -1.41
C LEU A 110 -2.32 2.84 -0.89
N ASN A 111 -3.25 3.47 -0.17
CA ASN A 111 -4.42 2.74 0.31
C ASN A 111 -5.33 2.35 -0.85
N ASP A 112 -5.43 3.18 -1.89
CA ASP A 112 -6.19 2.79 -3.07
C ASP A 112 -5.50 1.66 -3.83
N GLN A 113 -4.17 1.70 -3.93
CA GLN A 113 -3.42 0.61 -4.55
C GLN A 113 -3.71 -0.72 -3.86
N VAL A 114 -3.74 -0.72 -2.52
CA VAL A 114 -3.99 -1.95 -1.75
C VAL A 114 -5.43 -2.41 -1.95
N THR A 115 -6.39 -1.48 -1.95
CA THR A 115 -7.78 -1.84 -2.20
C THR A 115 -7.94 -2.55 -3.53
N LEU A 116 -7.28 -2.04 -4.57
CA LEU A 116 -7.37 -2.67 -5.89
C LEU A 116 -6.76 -4.06 -5.89
N LEU A 117 -5.58 -4.20 -5.30
CA LEU A 117 -4.94 -5.50 -5.22
C LEU A 117 -5.79 -6.47 -4.40
N LYS A 118 -6.31 -6.00 -3.26
CA LYS A 118 -7.07 -6.89 -2.36
C LYS A 118 -8.21 -7.58 -3.10
N TYR A 119 -8.99 -6.80 -3.85
CA TYR A 119 -10.14 -7.31 -4.57
C TYR A 119 -9.81 -7.76 -5.99
N GLY A 120 -8.60 -7.53 -6.46
CA GLY A 120 -8.23 -7.91 -7.82
C GLY A 120 -7.37 -9.16 -7.96
N VAL A 121 -6.54 -9.50 -6.96
CA VAL A 121 -5.48 -10.47 -7.21
C VAL A 121 -6.05 -11.84 -7.53
N HIS A 122 -7.12 -12.25 -6.84
CA HIS A 122 -7.63 -13.60 -7.12
C HIS A 122 -8.28 -13.69 -8.49
N GLU A 123 -8.94 -12.61 -8.94
CA GLU A 123 -9.44 -12.61 -10.30
C GLU A 123 -8.30 -12.75 -11.29
N ALA A 124 -7.19 -12.02 -11.06
CA ALA A 124 -6.04 -12.15 -11.95
C ALA A 124 -5.38 -13.51 -11.81
N ILE A 125 -5.30 -14.02 -10.58
CA ILE A 125 -4.63 -15.30 -10.34
C ILE A 125 -5.33 -16.43 -11.11
N PHE A 126 -6.66 -16.47 -11.03
CA PHE A 126 -7.39 -17.53 -11.69
C PHE A 126 -7.32 -17.42 -13.22
N ALA A 127 -7.28 -16.20 -13.75
CA ALA A 127 -7.07 -16.02 -15.18
C ALA A 127 -5.67 -16.48 -15.58
N MET A 128 -4.66 -16.10 -14.79
CA MET A 128 -3.29 -16.48 -15.12
C MET A 128 -3.03 -17.97 -14.93
N LEU A 129 -3.71 -18.61 -13.98
CA LEU A 129 -3.56 -20.06 -13.82
C LEU A 129 -4.01 -20.81 -15.06
N ALA A 130 -4.92 -20.22 -15.84
CA ALA A 130 -5.34 -20.85 -17.08
C ALA A 130 -4.17 -21.04 -18.03
N SER A 131 -3.17 -20.17 -17.96
CA SER A 131 -2.02 -20.30 -18.86
C SER A 131 -1.23 -21.60 -18.61
N ILE A 132 -1.25 -22.10 -17.38
CA ILE A 132 -0.37 -23.22 -17.00
C ILE A 132 -1.18 -24.49 -16.78
N VAL A 133 -2.34 -24.57 -17.40
CA VAL A 133 -3.31 -25.63 -17.14
C VAL A 133 -3.79 -26.20 -18.47
N ASN A 134 -4.01 -27.51 -18.52
CA ASN A 134 -4.82 -28.12 -19.56
C ASN A 134 -5.92 -28.95 -18.89
N LYS A 135 -6.65 -29.73 -19.68
CA LYS A 135 -7.79 -30.45 -19.13
C LYS A 135 -7.40 -31.54 -18.16
N ASP A 136 -6.14 -31.98 -18.18
CA ASP A 136 -5.69 -33.08 -17.32
C ASP A 136 -5.05 -32.62 -16.02
N GLY A 137 -4.66 -31.35 -15.91
CA GLY A 137 -3.99 -30.91 -14.70
C GLY A 137 -3.20 -29.62 -14.90
N LEU A 138 -2.22 -29.43 -14.02
CA LEU A 138 -1.66 -28.12 -13.75
C LEU A 138 -0.14 -28.21 -13.57
N LEU A 139 0.59 -27.30 -14.21
CA LEU A 139 2.03 -27.21 -13.98
C LEU A 139 2.30 -26.65 -12.60
N VAL A 140 3.28 -27.24 -11.90
CA VAL A 140 3.71 -26.75 -10.60
C VAL A 140 5.23 -26.66 -10.58
N ALA A 141 5.73 -25.91 -9.60
CA ALA A 141 7.16 -25.72 -9.35
C ALA A 141 7.92 -25.39 -10.64
N ASN A 142 7.60 -24.21 -11.18
CA ASN A 142 8.28 -23.65 -12.34
C ASN A 142 8.16 -24.56 -13.55
N GLY A 143 7.06 -25.30 -13.66
CA GLY A 143 6.88 -26.19 -14.79
C GLY A 143 7.61 -27.50 -14.69
N SER A 144 8.30 -27.77 -13.58
CA SER A 144 9.02 -29.03 -13.43
C SER A 144 8.12 -30.16 -12.96
N GLY A 145 6.96 -29.84 -12.40
CA GLY A 145 5.98 -30.85 -12.03
C GLY A 145 4.67 -30.66 -12.76
N PHE A 146 3.83 -31.68 -12.76
CA PHE A 146 2.50 -31.58 -13.36
C PHE A 146 1.55 -32.40 -12.49
N VAL A 147 0.62 -31.72 -11.81
CA VAL A 147 -0.30 -32.40 -10.91
C VAL A 147 -1.64 -32.56 -11.62
N THR A 148 -2.18 -33.78 -11.57
CA THR A 148 -3.35 -34.12 -12.35
C THR A 148 -4.62 -33.62 -11.68
N ARG A 149 -5.56 -33.17 -12.51
CA ARG A 149 -6.90 -32.82 -12.07
C ARG A 149 -7.54 -34.00 -11.33
N GLU A 150 -7.30 -35.21 -11.83
CA GLU A 150 -7.70 -36.45 -11.15
C GLU A 150 -7.29 -36.46 -9.70
N PHE A 151 -5.97 -36.35 -9.45
CA PHE A 151 -5.47 -36.40 -8.07
C PHE A 151 -6.07 -35.27 -7.24
N LEU A 152 -6.13 -34.05 -7.79
CA LEU A 152 -6.62 -32.93 -7.00
C LEU A 152 -8.07 -33.12 -6.60
N ARG A 153 -8.91 -33.66 -7.50
CA ARG A 153 -10.31 -33.92 -7.18
C ARG A 153 -10.45 -34.98 -6.10
N SER A 154 -9.47 -35.90 -6.02
CA SER A 154 -9.52 -37.01 -5.08
C SER A 154 -9.16 -36.61 -3.66
N LEU A 155 -8.80 -35.35 -3.42
CA LEU A 155 -8.45 -34.96 -2.07
C LEU A 155 -9.71 -34.85 -1.22
N ARG A 156 -9.50 -34.75 0.09
CA ARG A 156 -10.61 -34.74 1.03
C ARG A 156 -11.43 -33.47 0.89
N LYS A 157 -12.75 -33.59 1.12
CA LYS A 157 -13.53 -32.39 1.33
C LYS A 157 -13.25 -31.84 2.73
N PRO A 158 -13.31 -30.52 2.93
CA PRO A 158 -13.76 -29.50 1.98
C PRO A 158 -12.68 -29.00 1.02
N PHE A 159 -11.46 -29.52 1.14
CA PHE A 159 -10.34 -28.97 0.37
C PHE A 159 -10.53 -29.19 -1.12
N SER A 160 -11.06 -30.35 -1.51
CA SER A 160 -11.21 -30.64 -2.94
C SER A 160 -12.28 -29.77 -3.60
N ASP A 161 -13.16 -29.15 -2.81
CA ASP A 161 -14.23 -28.37 -3.40
C ASP A 161 -13.71 -27.16 -4.17
N ILE A 162 -12.54 -26.63 -3.82
CA ILE A 162 -12.05 -25.42 -4.47
C ILE A 162 -11.47 -25.67 -5.86
N ILE A 163 -11.36 -26.92 -6.31
CA ILE A 163 -10.52 -27.23 -7.47
C ILE A 163 -11.31 -27.25 -8.77
N GLU A 164 -12.38 -28.03 -8.85
CA GLU A 164 -13.03 -28.25 -10.14
C GLU A 164 -13.65 -26.99 -10.75
N PRO A 165 -14.29 -26.07 -10.01
CA PRO A 165 -14.73 -24.82 -10.65
C PRO A 165 -13.60 -24.08 -11.34
N LYS A 166 -12.36 -24.20 -10.86
CA LYS A 166 -11.24 -23.50 -11.47
C LYS A 166 -10.87 -24.13 -12.81
N PHE A 167 -10.82 -25.45 -12.86
CA PHE A 167 -10.53 -26.12 -14.14
C PHE A 167 -11.64 -25.87 -15.14
N GLU A 168 -12.90 -25.85 -14.70
CA GLU A 168 -14.00 -25.55 -15.62
C GLU A 168 -13.81 -24.21 -16.29
N PHE A 169 -13.52 -23.18 -15.48
CA PHE A 169 -13.28 -21.85 -16.03
C PHE A 169 -12.12 -21.87 -17.00
N ALA A 170 -11.02 -22.53 -16.63
CA ALA A 170 -9.77 -22.39 -17.37
C ALA A 170 -9.85 -23.03 -18.74
N VAL A 171 -10.52 -24.18 -18.85
CA VAL A 171 -10.65 -24.84 -20.14
C VAL A 171 -11.39 -23.94 -21.12
N LYS A 172 -12.53 -23.38 -20.69
CA LYS A 172 -13.25 -22.45 -21.54
C LYS A 172 -12.44 -21.20 -21.81
N PHE A 173 -11.68 -20.73 -20.81
CA PHE A 173 -10.88 -19.52 -20.99
C PHE A 173 -9.77 -19.74 -22.01
N ASN A 174 -9.13 -20.91 -21.96
CA ASN A 174 -8.07 -21.26 -22.91
C ASN A 174 -8.59 -21.46 -24.33
N ALA A 175 -9.88 -21.80 -24.49
CA ALA A 175 -10.49 -21.92 -25.80
C ALA A 175 -10.53 -20.60 -26.56
N LEU A 176 -10.40 -19.46 -25.87
CA LEU A 176 -10.27 -18.18 -26.56
C LEU A 176 -8.89 -17.98 -27.16
N GLU A 177 -7.89 -18.76 -26.73
CA GLU A 177 -6.56 -18.78 -27.34
C GLU A 177 -5.89 -17.41 -27.28
N LEU A 178 -5.99 -16.75 -26.13
CA LEU A 178 -5.24 -15.53 -25.93
C LEU A 178 -3.75 -15.83 -25.88
N ASP A 179 -2.94 -14.82 -26.17
CA ASP A 179 -1.50 -14.94 -25.96
C ASP A 179 -1.06 -13.97 -24.88
N ASP A 180 0.25 -13.95 -24.63
CA ASP A 180 0.74 -13.17 -23.50
C ASP A 180 0.50 -11.68 -23.70
N SER A 181 0.50 -11.18 -24.94
CA SER A 181 0.21 -9.78 -25.17
C SER A 181 -1.21 -9.42 -24.77
N ASP A 182 -2.18 -10.29 -25.10
CA ASP A 182 -3.56 -10.06 -24.69
C ASP A 182 -3.69 -10.11 -23.17
N LEU A 183 -3.11 -11.15 -22.56
CA LEU A 183 -3.24 -11.36 -21.13
C LEU A 183 -2.74 -10.17 -20.33
N ALA A 184 -1.65 -9.55 -20.79
CA ALA A 184 -1.09 -8.43 -20.03
C ALA A 184 -2.11 -7.32 -19.85
N LEU A 185 -2.87 -7.01 -20.90
CA LEU A 185 -3.87 -5.95 -20.81
C LEU A 185 -5.10 -6.44 -20.07
N PHE A 186 -5.45 -7.71 -20.24
CA PHE A 186 -6.58 -8.30 -19.51
C PHE A 186 -6.35 -8.20 -18.01
N ILE A 187 -5.16 -8.59 -17.55
CA ILE A 187 -4.86 -8.58 -16.12
C ILE A 187 -4.82 -7.15 -15.60
N ALA A 188 -4.28 -6.23 -16.39
CA ALA A 188 -4.29 -4.82 -16.01
C ALA A 188 -5.72 -4.31 -15.85
N ALA A 189 -6.63 -4.72 -16.73
CA ALA A 189 -8.01 -4.27 -16.62
C ALA A 189 -8.69 -4.84 -15.38
N ILE A 190 -8.34 -6.08 -15.01
CA ILE A 190 -8.89 -6.69 -13.81
C ILE A 190 -8.49 -5.90 -12.57
N ILE A 191 -7.20 -5.54 -12.48
CA ILE A 191 -6.70 -4.84 -11.30
C ILE A 191 -7.28 -3.43 -11.21
N LEU A 192 -7.13 -2.65 -12.26
CA LEU A 192 -7.58 -1.26 -12.26
C LEU A 192 -9.08 -1.26 -12.53
N CYS A 193 -9.83 -1.52 -11.46
CA CYS A 193 -11.27 -1.75 -11.53
C CYS A 193 -11.98 -0.78 -10.60
N GLY A 194 -12.94 -0.04 -11.16
CA GLY A 194 -13.45 1.15 -10.51
C GLY A 194 -14.46 0.91 -9.39
N ASP A 195 -15.10 -0.25 -9.36
CA ASP A 195 -16.15 -0.47 -8.36
C ASP A 195 -15.71 -1.42 -7.25
N ARG A 196 -14.42 -1.41 -6.92
CA ARG A 196 -13.98 -2.17 -5.76
C ARG A 196 -14.49 -1.53 -4.47
N PRO A 197 -14.87 -2.33 -3.48
CA PRO A 197 -15.41 -1.74 -2.25
C PRO A 197 -14.40 -0.83 -1.57
N GLY A 198 -14.87 0.33 -1.13
CA GLY A 198 -14.02 1.21 -0.35
C GLY A 198 -12.97 1.97 -1.13
N LEU A 199 -13.08 2.01 -2.45
CA LEU A 199 -12.13 2.79 -3.24
C LEU A 199 -12.27 4.27 -2.92
N MET A 200 -11.14 4.96 -2.82
CA MET A 200 -11.16 6.38 -2.47
C MET A 200 -11.38 7.26 -3.70
N ASN A 201 -10.58 7.06 -4.74
CA ASN A 201 -10.62 7.92 -5.92
C ASN A 201 -11.23 7.15 -7.09
N VAL A 202 -12.54 6.89 -6.98
CA VAL A 202 -13.23 6.12 -8.01
C VAL A 202 -13.11 6.77 -9.39
N PRO A 203 -13.33 8.07 -9.57
CA PRO A 203 -13.23 8.63 -10.93
C PRO A 203 -11.87 8.43 -11.57
N ARG A 204 -10.80 8.49 -10.78
CA ARG A 204 -9.46 8.30 -11.34
C ARG A 204 -9.23 6.84 -11.75
N VAL A 205 -9.73 5.89 -10.95
CA VAL A 205 -9.56 4.48 -11.30
C VAL A 205 -10.40 4.14 -12.52
N GLU A 206 -11.65 4.60 -12.56
CA GLU A 206 -12.49 4.37 -13.74
C GLU A 206 -11.83 4.91 -15.01
N ALA A 207 -11.19 6.07 -14.90
CA ALA A 207 -10.52 6.66 -16.06
C ALA A 207 -9.37 5.78 -16.53
N ILE A 208 -8.57 5.26 -15.60
CA ILE A 208 -7.46 4.39 -15.98
C ILE A 208 -7.99 3.11 -16.61
N GLN A 209 -9.04 2.53 -16.03
CA GLN A 209 -9.64 1.32 -16.58
C GLN A 209 -10.11 1.54 -18.02
N ASP A 210 -10.76 2.68 -18.28
CA ASP A 210 -11.25 2.97 -19.63
C ASP A 210 -10.10 3.02 -20.64
N THR A 211 -8.96 3.57 -20.23
CA THR A 211 -7.79 3.61 -21.10
C THR A 211 -7.27 2.20 -21.39
N ILE A 212 -7.16 1.36 -20.36
CA ILE A 212 -6.71 -0.02 -20.57
C ILE A 212 -7.65 -0.73 -21.52
N LEU A 213 -8.96 -0.58 -21.30
CA LEU A 213 -9.95 -1.29 -22.10
C LEU A 213 -9.93 -0.84 -23.55
N ARG A 214 -9.75 0.47 -23.78
CA ARG A 214 -9.62 0.95 -25.16
C ARG A 214 -8.35 0.39 -25.80
N ALA A 215 -7.26 0.35 -25.03
CA ALA A 215 -6.03 -0.26 -25.53
C ALA A 215 -6.25 -1.73 -25.87
N LEU A 216 -7.01 -2.43 -25.04
CA LEU A 216 -7.26 -3.85 -25.27
C LEU A 216 -8.11 -4.07 -26.53
N GLU A 217 -9.20 -3.31 -26.65
CA GLU A 217 -9.99 -3.34 -27.88
C GLU A 217 -9.11 -3.14 -29.10
N PHE A 218 -8.28 -2.10 -29.07
CA PHE A 218 -7.37 -1.81 -30.17
C PHE A 218 -6.37 -2.94 -30.39
N HIS A 219 -5.80 -3.47 -29.30
CA HIS A 219 -4.84 -4.56 -29.41
C HIS A 219 -5.47 -5.80 -30.04
N LEU A 220 -6.69 -6.16 -29.60
CA LEU A 220 -7.34 -7.35 -30.15
C LEU A 220 -7.65 -7.20 -31.63
N GLN A 221 -7.92 -5.97 -32.09
CA GLN A 221 -8.12 -5.74 -33.53
C GLN A 221 -6.89 -6.17 -34.31
N ALA A 222 -5.72 -5.69 -33.90
CA ALA A 222 -4.49 -5.99 -34.62
C ALA A 222 -4.07 -7.44 -34.42
N ASN A 223 -4.07 -7.92 -33.17
CA ASN A 223 -3.53 -9.24 -32.88
C ASN A 223 -4.48 -10.37 -33.28
N HIS A 224 -5.79 -10.16 -33.21
CA HIS A 224 -6.79 -11.17 -33.58
C HIS A 224 -7.75 -10.60 -34.61
N PRO A 225 -7.27 -10.37 -35.84
CA PRO A 225 -8.13 -9.69 -36.83
C PRO A 225 -9.36 -10.48 -37.21
N ASP A 226 -9.28 -11.80 -37.23
CA ASP A 226 -10.39 -12.63 -37.65
C ASP A 226 -11.28 -13.06 -36.51
N ALA A 227 -10.97 -12.66 -35.28
CA ALA A 227 -11.78 -13.05 -34.13
C ALA A 227 -13.10 -12.30 -34.11
N GLN A 228 -14.18 -13.02 -33.81
CA GLN A 228 -15.52 -12.46 -33.77
C GLN A 228 -15.93 -12.27 -32.32
N TYR A 229 -16.24 -11.03 -31.94
CA TYR A 229 -16.79 -10.70 -30.62
C TYR A 229 -15.80 -11.02 -29.50
N LEU A 230 -14.49 -10.99 -29.79
CA LEU A 230 -13.51 -11.36 -28.78
C LEU A 230 -13.49 -10.36 -27.63
N PHE A 231 -13.59 -9.07 -27.92
CA PHE A 231 -13.58 -8.08 -26.84
C PHE A 231 -14.77 -8.26 -25.90
N PRO A 232 -16.03 -8.33 -26.36
CA PRO A 232 -17.13 -8.55 -25.40
C PRO A 232 -17.09 -9.91 -24.74
N LYS A 233 -16.54 -10.93 -25.41
CA LYS A 233 -16.32 -12.20 -24.75
C LYS A 233 -15.37 -12.03 -23.57
N LEU A 234 -14.31 -11.24 -23.75
CA LEU A 234 -13.37 -11.00 -22.66
C LEU A 234 -14.01 -10.18 -21.54
N LEU A 235 -14.88 -9.23 -21.89
CA LEU A 235 -15.61 -8.52 -20.84
C LEU A 235 -16.49 -9.48 -20.05
N GLN A 236 -17.07 -10.48 -20.74
CA GLN A 236 -17.84 -11.48 -20.03
C GLN A 236 -16.95 -12.37 -19.16
N LYS A 237 -15.72 -12.66 -19.61
CA LYS A 237 -14.82 -13.43 -18.76
C LYS A 237 -14.45 -12.69 -17.49
N MET A 238 -14.41 -11.35 -17.55
CA MET A 238 -14.14 -10.59 -16.33
C MET A 238 -15.30 -10.67 -15.36
N ALA A 239 -16.54 -10.73 -15.87
CA ALA A 239 -17.67 -10.92 -14.98
C ALA A 239 -17.70 -12.33 -14.41
N ASP A 240 -17.36 -13.33 -15.24
CA ASP A 240 -17.25 -14.71 -14.78
C ASP A 240 -16.18 -14.86 -13.70
N LEU A 241 -15.04 -14.17 -13.85
CA LEU A 241 -13.98 -14.23 -12.85
C LEU A 241 -14.44 -13.70 -11.50
N ARG A 242 -15.19 -12.60 -11.49
CA ARG A 242 -15.67 -12.03 -10.24
C ARG A 242 -16.63 -12.98 -9.52
N GLN A 243 -17.46 -13.69 -10.28
CA GLN A 243 -18.36 -14.68 -9.70
C GLN A 243 -17.58 -15.90 -9.22
N LEU A 244 -16.54 -16.30 -9.96
CA LEU A 244 -15.70 -17.41 -9.52
C LEU A 244 -15.00 -17.10 -8.21
N VAL A 245 -14.62 -15.84 -7.99
CA VAL A 245 -13.92 -15.46 -6.76
C VAL A 245 -14.90 -15.35 -5.60
N THR A 246 -16.11 -14.87 -5.85
CA THR A 246 -17.13 -14.84 -4.80
C THR A 246 -17.44 -16.24 -4.31
N GLU A 247 -17.59 -17.19 -5.23
CA GLU A 247 -17.84 -18.57 -4.84
C GLU A 247 -16.63 -19.17 -4.14
N HIS A 248 -15.42 -18.85 -4.62
CA HIS A 248 -14.22 -19.37 -3.98
C HIS A 248 -14.07 -18.80 -2.58
N ALA A 249 -14.36 -17.50 -2.40
CA ALA A 249 -14.24 -16.88 -1.09
C ALA A 249 -15.18 -17.51 -0.08
N GLN A 250 -16.34 -17.97 -0.53
CA GLN A 250 -17.27 -18.65 0.38
C GLN A 250 -16.75 -20.02 0.78
N MET A 251 -16.18 -20.76 -0.15
CA MET A 251 -15.56 -22.03 0.21
C MET A 251 -14.39 -21.81 1.17
N MET A 252 -13.63 -20.74 0.98
CA MET A 252 -12.49 -20.50 1.85
C MET A 252 -12.93 -20.15 3.26
N GLN A 253 -14.03 -19.40 3.40
CA GLN A 253 -14.57 -19.07 4.71
C GLN A 253 -15.16 -20.30 5.40
N ARG A 254 -15.75 -21.22 4.63
CA ARG A 254 -16.24 -22.45 5.23
C ARG A 254 -15.09 -23.33 5.70
N ILE A 255 -13.97 -23.34 4.96
CA ILE A 255 -12.81 -24.11 5.38
C ILE A 255 -12.25 -23.56 6.67
N LYS A 256 -12.18 -22.24 6.79
CA LYS A 256 -11.72 -21.63 8.03
C LYS A 256 -12.67 -21.92 9.18
N LYS A 257 -13.96 -22.14 8.87
CA LYS A 257 -14.92 -22.45 9.92
C LYS A 257 -14.82 -23.90 10.38
N THR A 258 -14.71 -24.84 9.43
CA THR A 258 -14.83 -26.26 9.72
C THR A 258 -13.50 -26.98 9.90
N GLU A 259 -12.39 -26.35 9.52
CA GLU A 259 -11.06 -26.94 9.58
C GLU A 259 -10.17 -26.03 10.43
N THR A 260 -10.54 -25.89 11.69
CA THR A 260 -9.87 -24.95 12.60
C THR A 260 -8.39 -25.26 12.79
N GLU A 261 -7.96 -26.50 12.57
CA GLU A 261 -6.55 -26.84 12.71
C GLU A 261 -5.72 -26.41 11.51
N THR A 262 -6.36 -26.12 10.38
CA THR A 262 -5.65 -25.78 9.15
C THR A 262 -5.30 -24.29 9.15
N SER A 263 -4.03 -23.98 8.90
CA SER A 263 -3.57 -22.60 8.90
C SER A 263 -3.99 -21.89 7.61
N LEU A 264 -4.25 -20.59 7.74
CA LEU A 264 -4.49 -19.71 6.61
C LEU A 264 -3.43 -18.61 6.67
N HIS A 265 -2.67 -18.48 5.61
CA HIS A 265 -1.58 -17.51 5.57
C HIS A 265 -2.12 -16.12 5.91
N PRO A 266 -1.37 -15.31 6.66
CA PRO A 266 -1.88 -14.00 7.10
C PRO A 266 -2.31 -13.10 5.94
N LEU A 267 -1.57 -13.10 4.83
CA LEU A 267 -1.98 -12.28 3.69
C LEU A 267 -3.34 -12.71 3.16
N LEU A 268 -3.62 -14.02 3.15
CA LEU A 268 -4.91 -14.49 2.67
C LEU A 268 -6.02 -14.20 3.67
N GLN A 269 -5.68 -14.25 4.97
CA GLN A 269 -6.62 -13.80 5.99
C GLN A 269 -7.04 -12.35 5.77
N GLU A 270 -6.09 -11.48 5.44
CA GLU A 270 -6.42 -10.07 5.21
C GLU A 270 -7.20 -9.87 3.92
N ILE A 271 -6.97 -10.70 2.90
CA ILE A 271 -7.70 -10.58 1.64
C ILE A 271 -9.16 -11.00 1.82
N TYR A 272 -9.39 -12.16 2.43
CA TYR A 272 -10.73 -12.73 2.53
C TYR A 272 -11.53 -12.18 3.71
N LYS A 273 -10.99 -11.20 4.44
CA LYS A 273 -11.60 -10.83 5.71
C LYS A 273 -13.01 -10.26 5.54
N ASP A 274 -13.28 -9.57 4.45
CA ASP A 274 -14.56 -8.87 4.26
C ASP A 274 -15.17 -9.19 2.91
N MET A 275 -15.14 -10.45 2.49
CA MET A 275 -15.75 -10.87 1.24
C MET A 275 -16.97 -11.72 1.55
N TYR A 276 -18.10 -11.37 0.93
CA TYR A 276 -19.34 -12.11 1.14
C TYR A 276 -20.06 -12.39 -0.19
N GLN B 6 27.90 -4.24 13.46
CA GLN B 6 26.81 -3.44 13.99
C GLN B 6 27.17 -1.96 14.01
N VAL B 7 28.34 -1.63 14.58
CA VAL B 7 28.73 -0.23 14.73
C VAL B 7 29.07 0.40 13.38
N ALA B 8 29.59 -0.39 12.44
CA ALA B 8 29.92 0.14 11.13
C ALA B 8 28.68 0.27 10.24
N ASP B 9 27.71 -0.63 10.39
CA ASP B 9 26.51 -0.59 9.56
C ASP B 9 25.57 0.55 9.96
N LEU B 10 25.65 1.00 11.21
CA LEU B 10 24.73 2.03 11.69
C LEU B 10 24.95 3.37 11.00
N LYS B 11 26.22 3.77 10.81
CA LYS B 11 26.52 5.07 10.22
C LYS B 11 26.04 5.14 8.78
N ALA B 12 26.18 4.05 8.03
CA ALA B 12 25.67 4.01 6.65
C ALA B 12 24.14 4.04 6.64
N PHE B 13 23.52 3.26 7.53
CA PHE B 13 22.08 3.25 7.67
C PHE B 13 21.55 4.65 7.94
N SER B 14 22.16 5.34 8.92
CA SER B 14 21.74 6.69 9.26
C SER B 14 21.90 7.64 8.09
N LYS B 15 22.98 7.47 7.31
CA LYS B 15 23.21 8.33 6.17
C LYS B 15 22.18 8.09 5.08
N HIS B 16 21.83 6.83 4.84
CA HIS B 16 20.83 6.52 3.83
C HIS B 16 19.48 7.14 4.18
N ILE B 17 19.09 7.06 5.47
CA ILE B 17 17.81 7.60 5.91
C ILE B 17 17.79 9.12 5.79
N TYR B 18 18.91 9.76 6.17
CA TYR B 18 19.02 11.22 6.01
C TYR B 18 18.84 11.63 4.55
N ASN B 19 19.46 10.88 3.62
CA ASN B 19 19.31 11.21 2.20
C ASN B 19 17.87 11.05 1.75
N ALA B 20 17.18 10.03 2.25
CA ALA B 20 15.76 9.85 1.97
C ALA B 20 14.96 11.04 2.47
N TYR B 21 15.37 11.58 3.62
CA TYR B 21 14.75 12.76 4.18
C TYR B 21 15.02 13.98 3.31
N LEU B 22 16.29 14.21 2.97
CA LEU B 22 16.67 15.38 2.16
C LEU B 22 15.99 15.35 0.79
N LYS B 23 15.79 14.16 0.24
CA LYS B 23 15.22 14.01 -1.09
C LYS B 23 13.72 14.20 -1.10
N ASN B 24 13.03 13.99 0.02
CA ASN B 24 11.58 13.85 -0.06
C ASN B 24 10.76 14.93 0.63
N PHE B 25 11.33 15.66 1.59
CA PHE B 25 10.58 16.68 2.31
C PHE B 25 10.83 18.06 1.74
N ASN B 26 9.74 18.80 1.52
CA ASN B 26 9.84 20.12 0.87
C ASN B 26 10.54 21.13 1.77
N MET B 27 10.34 21.05 3.08
CA MET B 27 10.90 22.01 4.02
C MET B 27 11.76 21.28 5.04
N THR B 28 13.01 21.71 5.17
CA THR B 28 13.89 21.23 6.22
C THR B 28 13.87 22.19 7.40
N LYS B 29 14.17 21.67 8.59
CA LYS B 29 14.29 22.54 9.75
C LYS B 29 15.42 23.56 9.56
N LYS B 30 16.50 23.15 8.89
CA LYS B 30 17.56 24.09 8.54
C LYS B 30 17.02 25.24 7.68
N LYS B 31 16.32 24.92 6.59
CA LYS B 31 15.71 25.99 5.80
C LYS B 31 14.72 26.80 6.65
N ALA B 32 13.84 26.11 7.37
CA ALA B 32 12.85 26.81 8.20
C ALA B 32 13.54 27.75 9.18
N ARG B 33 14.64 27.30 9.78
CA ARG B 33 15.29 28.09 10.83
C ARG B 33 16.01 29.31 10.27
N SER B 34 16.45 29.24 9.01
CA SER B 34 17.04 30.42 8.39
C SER B 34 15.98 31.45 8.03
N ILE B 35 14.78 31.01 7.65
CA ILE B 35 13.70 31.95 7.36
C ILE B 35 13.27 32.69 8.63
N LEU B 36 13.15 31.95 9.74
CA LEU B 36 12.68 32.50 11.01
C LEU B 36 13.76 33.27 11.78
N THR B 37 14.96 33.44 11.22
CA THR B 37 16.00 34.22 11.86
C THR B 37 16.55 35.34 10.97
N GLY B 38 15.91 35.61 9.84
CA GLY B 38 16.34 36.68 8.95
C GLY B 38 17.51 36.34 8.06
N ALA B 44 11.39 37.81 2.73
CA ALA B 44 10.75 37.79 4.06
C ALA B 44 9.32 37.30 3.98
N PRO B 45 8.92 36.44 4.92
CA PRO B 45 7.56 35.89 4.87
C PRO B 45 6.49 36.91 5.18
N PHE B 46 5.40 36.85 4.41
CA PHE B 46 4.24 37.69 4.65
C PHE B 46 3.50 37.21 5.90
N VAL B 47 3.36 38.10 6.87
CA VAL B 47 2.72 37.77 8.14
C VAL B 47 1.20 37.78 7.98
N ILE B 48 0.56 36.68 8.33
CA ILE B 48 -0.90 36.54 8.30
C ILE B 48 -1.39 36.55 9.74
N HIS B 49 -2.12 37.60 10.12
CA HIS B 49 -2.59 37.72 11.49
C HIS B 49 -4.06 38.11 11.62
N ASP B 50 -4.78 38.30 10.52
CA ASP B 50 -6.21 38.57 10.58
C ASP B 50 -6.82 38.28 9.21
N ILE B 51 -8.15 38.44 9.14
CA ILE B 51 -8.90 38.17 7.92
C ILE B 51 -8.26 38.87 6.73
N GLU B 52 -7.91 40.13 6.89
CA GLU B 52 -7.47 40.94 5.78
C GLU B 52 -6.14 40.44 5.23
N THR B 53 -5.18 40.15 6.11
CA THR B 53 -3.90 39.61 5.64
C THR B 53 -4.07 38.20 5.09
N LEU B 54 -4.96 37.40 5.69
CA LEU B 54 -5.22 36.07 5.14
C LEU B 54 -5.75 36.17 3.72
N TRP B 55 -6.69 37.10 3.47
CA TRP B 55 -7.17 37.32 2.11
C TRP B 55 -6.02 37.75 1.20
N GLN B 56 -5.20 38.70 1.67
CA GLN B 56 -4.01 39.12 0.94
C GLN B 56 -3.16 37.94 0.53
N ALA B 57 -2.86 37.06 1.49
CA ALA B 57 -2.01 35.91 1.21
C ALA B 57 -2.61 35.02 0.15
N GLU B 58 -3.93 34.82 0.19
CA GLU B 58 -4.60 34.01 -0.83
C GLU B 58 -4.61 34.70 -2.19
N LYS B 59 -4.51 36.03 -2.21
CA LYS B 59 -4.57 36.78 -3.46
C LYS B 59 -3.23 36.82 -4.18
N GLY B 60 -2.36 35.85 -3.94
CA GLY B 60 -1.11 35.72 -4.67
C GLY B 60 0.12 36.10 -3.88
N LEU B 61 -0.03 36.91 -2.83
CA LEU B 61 1.13 37.24 -2.00
C LEU B 61 1.76 36.01 -1.38
N VAL B 62 1.02 34.90 -1.31
CA VAL B 62 1.52 33.69 -0.67
C VAL B 62 1.07 32.48 -1.49
N TRP B 63 -0.23 32.39 -1.77
CA TRP B 63 -0.74 31.28 -2.57
C TRP B 63 -1.09 31.74 -4.00
N LEU B 70 -9.68 23.41 -3.41
CA LEU B 70 -10.28 23.60 -2.09
C LEU B 70 -11.80 23.64 -2.17
N PRO B 71 -12.47 23.02 -1.20
CA PRO B 71 -13.93 22.99 -1.19
C PRO B 71 -14.52 24.40 -1.18
N PRO B 72 -15.79 24.55 -1.52
CA PRO B 72 -16.37 25.90 -1.60
C PRO B 72 -16.26 26.64 -0.29
N TYR B 73 -16.01 27.94 -0.39
CA TYR B 73 -15.78 28.77 0.78
C TYR B 73 -16.98 28.71 1.72
N LYS B 74 -16.72 29.05 2.99
CA LYS B 74 -17.76 29.07 4.02
C LYS B 74 -17.53 30.21 5.01
N GLU B 75 -16.39 30.18 5.70
CA GLU B 75 -16.06 31.13 6.74
C GLU B 75 -14.59 30.94 7.07
N ILE B 76 -14.07 31.86 7.89
CA ILE B 76 -12.62 31.92 8.06
C ILE B 76 -12.10 30.69 8.83
N SER B 77 -12.80 30.28 9.89
CA SER B 77 -12.32 29.15 10.69
C SER B 77 -12.32 27.88 9.87
N VAL B 78 -13.31 27.72 9.00
CA VAL B 78 -13.41 26.54 8.15
C VAL B 78 -12.38 26.60 7.03
N HIS B 79 -12.12 27.80 6.48
CA HIS B 79 -11.08 27.90 5.46
C HIS B 79 -9.71 27.49 6.01
N VAL B 80 -9.39 27.90 7.23
CA VAL B 80 -8.09 27.54 7.81
C VAL B 80 -8.02 26.03 8.05
N PHE B 81 -9.10 25.47 8.61
CA PHE B 81 -9.21 24.03 8.81
C PHE B 81 -8.96 23.27 7.51
N TYR B 82 -9.46 23.79 6.38
CA TYR B 82 -9.20 23.17 5.09
C TYR B 82 -7.73 23.27 4.71
N ARG B 83 -7.09 24.40 5.00
CA ARG B 83 -5.66 24.50 4.68
C ARG B 83 -4.84 23.57 5.57
N CYS B 84 -5.34 23.24 6.76
CA CYS B 84 -4.67 22.25 7.61
C CYS B 84 -4.76 20.86 7.01
N GLN B 85 -5.92 20.50 6.45
CA GLN B 85 -6.07 19.22 5.78
C GLN B 85 -5.16 19.13 4.56
N CYS B 86 -5.00 20.23 3.82
CA CYS B 86 -4.16 20.22 2.62
C CYS B 86 -2.70 19.96 2.98
N THR B 87 -2.20 20.55 4.07
CA THR B 87 -0.82 20.27 4.44
C THR B 87 -0.66 18.82 4.88
N THR B 88 -1.67 18.27 5.55
CA THR B 88 -1.61 16.85 5.94
C THR B 88 -1.52 15.96 4.71
N VAL B 89 -2.39 16.20 3.73
CA VAL B 89 -2.39 15.40 2.51
C VAL B 89 -1.04 15.47 1.81
N GLU B 90 -0.46 16.68 1.72
CA GLU B 90 0.83 16.81 1.06
C GLU B 90 1.95 16.19 1.89
N THR B 91 1.88 16.31 3.22
CA THR B 91 2.91 15.70 4.03
C THR B 91 2.79 14.18 4.05
N VAL B 92 1.59 13.65 3.84
CA VAL B 92 1.43 12.20 3.73
C VAL B 92 2.11 11.69 2.47
N ARG B 93 1.95 12.42 1.36
CA ARG B 93 2.67 12.06 0.13
C ARG B 93 4.17 12.05 0.37
N GLU B 94 4.70 13.07 1.05
CA GLU B 94 6.14 13.11 1.30
C GLU B 94 6.55 11.98 2.24
N LEU B 95 5.72 11.68 3.24
CA LEU B 95 6.07 10.63 4.20
C LEU B 95 6.01 9.24 3.57
N THR B 96 5.08 9.05 2.63
CA THR B 96 5.00 7.80 1.88
C THR B 96 6.27 7.56 1.08
N GLU B 97 6.75 8.58 0.36
CA GLU B 97 7.97 8.42 -0.41
C GLU B 97 9.18 8.25 0.51
N PHE B 98 9.21 8.99 1.62
CA PHE B 98 10.27 8.80 2.60
C PHE B 98 10.34 7.36 3.07
N ALA B 99 9.20 6.82 3.53
CA ALA B 99 9.18 5.46 4.05
C ALA B 99 9.62 4.45 3.01
N LYS B 100 9.20 4.64 1.75
CA LYS B 100 9.57 3.72 0.69
C LYS B 100 11.07 3.66 0.49
N SER B 101 11.78 4.76 0.73
CA SER B 101 13.24 4.78 0.63
C SER B 101 13.93 4.16 1.85
N ILE B 102 13.18 3.77 2.88
CA ILE B 102 13.74 3.22 4.11
C ILE B 102 14.08 1.76 3.88
N PRO B 103 15.23 1.28 4.41
CA PRO B 103 15.65 -0.12 4.19
C PRO B 103 14.65 -1.15 4.69
N SER B 104 14.04 -1.87 3.74
CA SER B 104 13.16 -3.00 3.95
C SER B 104 11.77 -2.59 4.39
N PHE B 105 11.46 -1.29 4.46
CA PHE B 105 10.06 -0.90 4.49
C PHE B 105 9.36 -1.35 3.22
N SER B 106 10.03 -1.20 2.07
CA SER B 106 9.49 -1.63 0.79
C SER B 106 9.41 -3.14 0.64
N SER B 107 10.10 -3.90 1.51
CA SER B 107 10.00 -5.36 1.50
C SER B 107 8.75 -5.87 2.20
N LEU B 108 8.15 -5.05 3.07
CA LEU B 108 6.86 -5.40 3.65
C LEU B 108 5.80 -5.50 2.56
N PHE B 109 4.77 -6.31 2.81
CA PHE B 109 3.64 -6.34 1.90
C PHE B 109 2.94 -4.99 1.92
N LEU B 110 2.35 -4.63 0.77
CA LEU B 110 1.85 -3.28 0.59
C LEU B 110 0.84 -2.90 1.67
N ASN B 111 0.03 -3.86 2.10
CA ASN B 111 -0.97 -3.58 3.12
C ASN B 111 -0.34 -3.31 4.48
N ASP B 112 0.82 -3.92 4.79
CA ASP B 112 1.52 -3.56 6.01
C ASP B 112 2.12 -2.16 5.91
N GLN B 113 2.57 -1.76 4.71
CA GLN B 113 3.04 -0.40 4.52
C GLN B 113 1.94 0.61 4.80
N VAL B 114 0.72 0.34 4.30
CA VAL B 114 -0.40 1.25 4.49
C VAL B 114 -0.77 1.33 5.98
N THR B 115 -0.74 0.21 6.68
CA THR B 115 -1.01 0.19 8.11
C THR B 115 -0.04 1.10 8.86
N LEU B 116 1.26 0.99 8.57
CA LEU B 116 2.24 1.81 9.26
C LEU B 116 2.03 3.28 8.95
N LEU B 117 1.75 3.61 7.69
CA LEU B 117 1.51 5.00 7.33
C LEU B 117 0.24 5.51 7.98
N LYS B 118 -0.84 4.72 7.91
CA LYS B 118 -2.13 5.13 8.46
C LYS B 118 -2.03 5.59 9.90
N TYR B 119 -1.38 4.80 10.75
CA TYR B 119 -1.32 5.08 12.18
C TYR B 119 -0.06 5.84 12.58
N GLY B 120 0.84 6.11 11.64
CA GLY B 120 2.06 6.82 11.95
C GLY B 120 2.16 8.25 11.43
N VAL B 121 1.41 8.61 10.39
CA VAL B 121 1.68 9.89 9.71
C VAL B 121 1.42 11.07 10.64
N HIS B 122 0.34 11.02 11.43
CA HIS B 122 0.04 12.20 12.24
C HIS B 122 1.04 12.38 13.36
N GLU B 123 1.55 11.28 13.93
CA GLU B 123 2.63 11.41 14.90
C GLU B 123 3.83 12.08 14.25
N ALA B 124 4.17 11.68 13.02
CA ALA B 124 5.32 12.29 12.36
C ALA B 124 5.02 13.73 11.94
N ILE B 125 3.79 14.00 11.47
CA ILE B 125 3.45 15.35 11.05
C ILE B 125 3.61 16.32 12.21
N PHE B 126 3.08 15.97 13.39
CA PHE B 126 3.16 16.87 14.53
C PHE B 126 4.60 17.07 15.01
N ALA B 127 5.42 16.01 14.94
CA ALA B 127 6.85 16.20 15.20
C ALA B 127 7.47 17.15 14.18
N MET B 128 7.10 17.01 12.90
CA MET B 128 7.73 17.82 11.86
C MET B 128 7.17 19.24 11.82
N LEU B 129 5.94 19.47 12.29
CA LEU B 129 5.45 20.84 12.39
C LEU B 129 6.33 21.67 13.32
N ALA B 130 6.89 21.04 14.36
CA ALA B 130 7.74 21.77 15.29
C ALA B 130 8.91 22.42 14.56
N SER B 131 9.34 21.82 13.45
CA SER B 131 10.46 22.38 12.69
C SER B 131 10.14 23.72 12.07
N ILE B 132 8.86 23.99 11.75
CA ILE B 132 8.54 25.21 11.00
C ILE B 132 7.80 26.21 11.88
N VAL B 133 8.07 26.14 13.18
CA VAL B 133 7.30 26.87 14.17
C VAL B 133 8.26 27.53 15.16
N ASN B 134 7.86 28.71 15.66
CA ASN B 134 8.39 29.22 16.91
C ASN B 134 7.22 29.56 17.82
N LYS B 135 7.47 30.20 18.96
CA LYS B 135 6.39 30.48 19.90
C LYS B 135 5.37 31.49 19.37
N ASP B 136 5.68 32.21 18.28
CA ASP B 136 4.77 33.24 17.77
C ASP B 136 3.96 32.80 16.57
N GLY B 137 4.29 31.70 15.91
CA GLY B 137 3.48 31.29 14.78
C GLY B 137 4.14 30.22 13.92
N LEU B 138 3.64 30.12 12.70
CA LEU B 138 3.84 28.96 11.84
C LEU B 138 4.16 29.40 10.42
N LEU B 139 5.21 28.83 9.83
CA LEU B 139 5.50 29.09 8.43
C LEU B 139 4.54 28.31 7.55
N VAL B 140 4.00 28.99 6.53
CA VAL B 140 3.04 28.35 5.64
C VAL B 140 3.47 28.64 4.19
N ALA B 141 2.98 27.80 3.28
CA ALA B 141 3.19 27.95 1.84
C ALA B 141 4.67 28.15 1.54
N ASN B 142 5.44 27.11 1.85
CA ASN B 142 6.86 27.03 1.53
C ASN B 142 7.67 28.13 2.20
N GLY B 143 7.21 28.57 3.37
CA GLY B 143 7.89 29.64 4.09
C GLY B 143 7.68 31.02 3.52
N SER B 144 6.84 31.18 2.50
CA SER B 144 6.54 32.52 2.01
C SER B 144 5.54 33.25 2.89
N GLY B 145 4.84 32.52 3.77
CA GLY B 145 3.93 33.12 4.71
C GLY B 145 4.22 32.67 6.13
N PHE B 146 3.75 33.46 7.07
CA PHE B 146 3.87 33.18 8.50
C PHE B 146 2.55 33.53 9.14
N VAL B 147 1.88 32.55 9.73
CA VAL B 147 0.58 32.76 10.35
C VAL B 147 0.78 32.71 11.85
N THR B 148 0.26 33.70 12.56
CA THR B 148 0.60 33.87 13.96
C THR B 148 -0.24 32.96 14.83
N ARG B 149 0.39 32.50 15.91
CA ARG B 149 -0.31 31.72 16.93
C ARG B 149 -1.55 32.43 17.43
N GLU B 150 -1.46 33.76 17.60
CA GLU B 150 -2.59 34.51 18.12
C GLU B 150 -3.77 34.47 17.16
N PHE B 151 -3.51 34.67 15.88
CA PHE B 151 -4.59 34.56 14.90
C PHE B 151 -5.20 33.16 14.89
N LEU B 152 -4.36 32.11 14.93
CA LEU B 152 -4.89 30.75 14.93
C LEU B 152 -5.78 30.49 16.15
N ARG B 153 -5.37 30.97 17.31
CA ARG B 153 -6.20 30.79 18.51
C ARG B 153 -7.46 31.63 18.49
N SER B 154 -7.56 32.62 17.60
CA SER B 154 -8.75 33.44 17.50
C SER B 154 -9.87 32.78 16.71
N LEU B 155 -9.63 31.60 16.14
CA LEU B 155 -10.65 30.96 15.33
C LEU B 155 -11.77 30.42 16.20
N ARG B 156 -12.83 29.99 15.55
CA ARG B 156 -14.03 29.50 16.22
C ARG B 156 -13.78 28.11 16.80
N LYS B 157 -14.37 27.84 17.97
CA LYS B 157 -14.51 26.46 18.40
C LYS B 157 -15.57 25.79 17.53
N PRO B 158 -15.42 24.49 17.22
CA PRO B 158 -14.42 23.55 17.73
C PRO B 158 -13.09 23.57 16.98
N PHE B 159 -12.95 24.40 15.95
CA PHE B 159 -11.73 24.37 15.14
C PHE B 159 -10.52 24.87 15.91
N SER B 160 -10.69 25.83 16.81
CA SER B 160 -9.54 26.36 17.54
C SER B 160 -8.98 25.37 18.55
N ASP B 161 -9.76 24.35 18.95
CA ASP B 161 -9.28 23.39 19.93
C ASP B 161 -8.02 22.69 19.45
N ILE B 162 -7.93 22.40 18.15
CA ILE B 162 -6.82 21.59 17.63
C ILE B 162 -5.50 22.34 17.58
N ILE B 163 -5.50 23.64 17.85
CA ILE B 163 -4.33 24.47 17.55
C ILE B 163 -3.32 24.44 18.69
N GLU B 164 -3.72 24.96 19.85
CA GLU B 164 -2.77 25.21 20.93
C GLU B 164 -2.05 23.97 21.45
N PRO B 165 -2.65 22.77 21.51
CA PRO B 165 -1.85 21.62 21.96
C PRO B 165 -0.65 21.35 21.07
N LYS B 166 -0.75 21.65 19.78
CA LYS B 166 0.37 21.42 18.88
C LYS B 166 1.49 22.42 19.12
N PHE B 167 1.16 23.69 19.40
CA PHE B 167 2.20 24.64 19.75
C PHE B 167 2.86 24.28 21.07
N GLU B 168 2.07 23.83 22.05
CA GLU B 168 2.64 23.49 23.36
C GLU B 168 3.62 22.34 23.25
N PHE B 169 3.31 21.35 22.41
CA PHE B 169 4.26 20.27 22.16
C PHE B 169 5.50 20.77 21.44
N ALA B 170 5.30 21.57 20.37
CA ALA B 170 6.41 21.97 19.51
C ALA B 170 7.44 22.80 20.27
N VAL B 171 6.98 23.69 21.15
CA VAL B 171 7.91 24.53 21.90
C VAL B 171 8.78 23.67 22.79
N LYS B 172 8.19 22.67 23.46
CA LYS B 172 8.99 21.78 24.30
C LYS B 172 9.89 20.89 23.44
N PHE B 173 9.39 20.46 22.27
CA PHE B 173 10.19 19.60 21.40
C PHE B 173 11.37 20.35 20.80
N ASN B 174 11.15 21.61 20.39
CA ASN B 174 12.24 22.40 19.84
C ASN B 174 13.34 22.67 20.86
N ALA B 175 13.04 22.58 22.16
CA ALA B 175 14.05 22.78 23.18
C ALA B 175 15.16 21.73 23.12
N LEU B 176 14.86 20.52 22.65
CA LEU B 176 15.89 19.50 22.50
C LEU B 176 16.90 19.85 21.41
N GLU B 177 16.57 20.79 20.54
CA GLU B 177 17.51 21.34 19.55
C GLU B 177 18.00 20.26 18.58
N LEU B 178 17.07 19.46 18.06
CA LEU B 178 17.42 18.47 17.06
C LEU B 178 17.67 19.13 15.70
N ASP B 179 18.50 18.50 14.89
CA ASP B 179 18.67 18.94 13.51
C ASP B 179 18.05 17.92 12.55
N ASP B 180 18.11 18.24 11.25
CA ASP B 180 17.44 17.42 10.26
C ASP B 180 17.95 15.97 10.28
N SER B 181 19.23 15.76 10.60
CA SER B 181 19.74 14.39 10.56
C SER B 181 19.22 13.58 11.75
N ASP B 182 19.08 14.22 12.92
CA ASP B 182 18.40 13.59 14.04
C ASP B 182 16.94 13.29 13.70
N LEU B 183 16.26 14.28 13.11
CA LEU B 183 14.84 14.13 12.85
C LEU B 183 14.56 13.01 11.85
N ALA B 184 15.42 12.88 10.83
CA ALA B 184 15.20 11.82 9.84
C ALA B 184 15.13 10.45 10.49
N LEU B 185 15.97 10.18 11.49
CA LEU B 185 15.92 8.89 12.17
C LEU B 185 14.75 8.83 13.13
N PHE B 186 14.39 9.97 13.73
CA PHE B 186 13.25 10.04 14.64
C PHE B 186 11.96 9.69 13.92
N ILE B 187 11.74 10.30 12.75
CA ILE B 187 10.54 10.05 11.97
C ILE B 187 10.50 8.61 11.49
N ALA B 188 11.66 8.08 11.07
CA ALA B 188 11.68 6.70 10.60
C ALA B 188 11.29 5.74 11.73
N ALA B 189 11.66 6.07 12.98
CA ALA B 189 11.30 5.22 14.11
C ALA B 189 9.82 5.34 14.44
N ILE B 190 9.22 6.51 14.20
CA ILE B 190 7.78 6.67 14.38
C ILE B 190 7.02 5.78 13.40
N ILE B 191 7.47 5.73 12.15
CA ILE B 191 6.72 5.00 11.13
C ILE B 191 6.83 3.50 11.35
N LEU B 192 8.04 3.01 11.61
CA LEU B 192 8.29 1.57 11.73
C LEU B 192 7.94 1.13 13.15
N CYS B 193 6.64 1.14 13.44
CA CYS B 193 6.13 0.88 14.78
C CYS B 193 5.42 -0.46 14.82
N GLY B 194 5.86 -1.35 15.71
CA GLY B 194 5.42 -2.73 15.68
C GLY B 194 4.04 -2.99 16.26
N ASP B 195 3.51 -2.08 17.08
CA ASP B 195 2.23 -2.33 17.72
C ASP B 195 1.08 -1.61 17.04
N ARG B 196 1.19 -1.31 15.74
CA ARG B 196 0.07 -0.69 15.05
C ARG B 196 -1.04 -1.71 14.82
N PRO B 197 -2.30 -1.31 14.98
CA PRO B 197 -3.41 -2.26 14.84
C PRO B 197 -3.42 -2.89 13.46
N GLY B 198 -3.68 -4.20 13.43
CA GLY B 198 -3.81 -4.93 12.18
C GLY B 198 -2.51 -5.23 11.47
N LEU B 199 -1.37 -4.96 12.09
CA LEU B 199 -0.09 -5.24 11.45
C LEU B 199 0.08 -6.74 11.23
N MET B 200 0.52 -7.11 10.03
CA MET B 200 0.66 -8.51 9.68
C MET B 200 1.98 -9.07 10.21
N ASN B 201 3.08 -8.53 9.72
CA ASN B 201 4.42 -9.05 10.07
C ASN B 201 5.00 -8.22 11.21
N VAL B 202 4.44 -8.45 12.40
CA VAL B 202 4.91 -7.75 13.59
C VAL B 202 6.40 -7.96 13.85
N PRO B 203 6.94 -9.19 13.83
CA PRO B 203 8.37 -9.35 14.13
C PRO B 203 9.28 -8.63 13.15
N ARG B 204 8.90 -8.56 11.87
CA ARG B 204 9.73 -7.87 10.89
C ARG B 204 9.76 -6.38 11.14
N VAL B 205 8.61 -5.78 11.46
CA VAL B 205 8.57 -4.35 11.74
C VAL B 205 9.32 -4.03 13.02
N GLU B 206 9.17 -4.87 14.05
CA GLU B 206 9.95 -4.68 15.28
C GLU B 206 11.43 -4.75 15.00
N ALA B 207 11.85 -5.67 14.12
CA ALA B 207 13.27 -5.78 13.77
C ALA B 207 13.78 -4.50 13.12
N ILE B 208 13.07 -4.00 12.11
CA ILE B 208 13.48 -2.77 11.45
C ILE B 208 13.58 -1.63 12.46
N GLN B 209 12.54 -1.48 13.30
CA GLN B 209 12.53 -0.40 14.28
C GLN B 209 13.72 -0.46 15.22
N ASP B 210 14.09 -1.68 15.66
CA ASP B 210 15.21 -1.83 16.57
C ASP B 210 16.51 -1.37 15.93
N THR B 211 16.71 -1.69 14.65
CA THR B 211 17.86 -1.17 13.92
C THR B 211 17.83 0.36 13.85
N ILE B 212 16.66 0.95 13.62
CA ILE B 212 16.57 2.40 13.51
C ILE B 212 16.87 3.05 14.86
N LEU B 213 16.32 2.47 15.93
CA LEU B 213 16.60 2.97 17.27
C LEU B 213 18.08 2.83 17.62
N ARG B 214 18.70 1.71 17.24
CA ARG B 214 20.15 1.56 17.43
C ARG B 214 20.90 2.64 16.67
N ALA B 215 20.56 2.81 15.39
CA ALA B 215 21.19 3.85 14.60
C ALA B 215 20.98 5.22 15.23
N LEU B 216 19.80 5.44 15.82
CA LEU B 216 19.49 6.74 16.39
C LEU B 216 20.34 7.03 17.62
N GLU B 217 20.48 6.05 18.52
CA GLU B 217 21.34 6.30 19.68
C GLU B 217 22.79 6.52 19.26
N PHE B 218 23.28 5.73 18.30
CA PHE B 218 24.63 5.92 17.80
C PHE B 218 24.79 7.31 17.18
N HIS B 219 23.80 7.74 16.38
CA HIS B 219 23.88 9.06 15.76
C HIS B 219 23.88 10.17 16.81
N LEU B 220 23.03 10.04 17.84
CA LEU B 220 22.94 11.07 18.88
C LEU B 220 24.25 11.22 19.64
N GLN B 221 24.89 10.09 20.02
CA GLN B 221 26.18 10.14 20.71
C GLN B 221 27.21 10.92 19.91
N ALA B 222 27.21 10.74 18.58
CA ALA B 222 28.17 11.42 17.73
C ALA B 222 27.78 12.88 17.49
N ASN B 223 26.48 13.14 17.24
CA ASN B 223 26.06 14.48 16.84
C ASN B 223 25.84 15.39 18.05
N HIS B 224 25.45 14.84 19.20
CA HIS B 224 25.18 15.61 20.42
C HIS B 224 25.99 15.06 21.58
N PRO B 225 27.33 15.12 21.52
CA PRO B 225 28.14 14.40 22.52
C PRO B 225 27.94 14.87 23.95
N ASP B 226 27.63 16.14 24.17
CA ASP B 226 27.43 16.66 25.52
C ASP B 226 25.99 16.56 26.00
N ALA B 227 25.06 16.17 25.13
CA ALA B 227 23.64 16.21 25.48
C ALA B 227 23.32 15.16 26.55
N GLN B 228 22.54 15.58 27.53
CA GLN B 228 22.19 14.73 28.67
C GLN B 228 20.89 13.99 28.38
N TYR B 229 20.95 12.66 28.39
CA TYR B 229 19.76 11.82 28.38
C TYR B 229 18.94 11.98 27.09
N LEU B 230 19.59 12.28 25.96
CA LEU B 230 18.84 12.72 24.78
C LEU B 230 18.09 11.55 24.13
N PHE B 231 18.67 10.35 24.15
CA PHE B 231 17.97 9.22 23.56
C PHE B 231 16.70 8.85 24.33
N PRO B 232 16.73 8.64 25.65
CA PRO B 232 15.46 8.35 26.35
C PRO B 232 14.49 9.51 26.36
N LYS B 233 14.97 10.75 26.34
CA LYS B 233 14.08 11.89 26.15
C LYS B 233 13.31 11.77 24.85
N LEU B 234 13.98 11.32 23.79
CA LEU B 234 13.32 11.18 22.49
C LEU B 234 12.30 10.04 22.52
N LEU B 235 12.65 8.93 23.16
CA LEU B 235 11.68 7.84 23.32
C LEU B 235 10.44 8.33 24.06
N GLN B 236 10.63 9.16 25.09
CA GLN B 236 9.48 9.76 25.76
C GLN B 236 8.69 10.67 24.81
N LYS B 237 9.40 11.43 23.96
CA LYS B 237 8.68 12.28 23.00
C LYS B 237 7.82 11.44 22.07
N MET B 238 8.27 10.22 21.75
CA MET B 238 7.45 9.35 20.90
C MET B 238 6.17 8.94 21.61
N ALA B 239 6.23 8.68 22.92
CA ALA B 239 5.01 8.38 23.66
C ALA B 239 4.12 9.61 23.80
N ASP B 240 4.71 10.79 23.99
CA ASP B 240 3.94 12.03 24.03
C ASP B 240 3.18 12.25 22.72
N LEU B 241 3.81 11.90 21.59
CA LEU B 241 3.19 12.10 20.29
C LEU B 241 2.00 11.18 20.08
N ARG B 242 2.06 9.96 20.60
CA ARG B 242 0.90 9.09 20.50
C ARG B 242 -0.26 9.66 21.32
N GLN B 243 0.05 10.21 22.50
CA GLN B 243 -0.98 10.85 23.31
C GLN B 243 -1.52 12.08 22.61
N LEU B 244 -0.64 12.85 21.96
CA LEU B 244 -1.07 14.04 21.24
C LEU B 244 -2.02 13.68 20.12
N VAL B 245 -1.71 12.64 19.36
CA VAL B 245 -2.57 12.20 18.27
C VAL B 245 -3.89 11.66 18.81
N THR B 246 -3.83 10.93 19.94
CA THR B 246 -5.06 10.46 20.57
C THR B 246 -6.00 11.63 20.87
N GLU B 247 -5.51 12.63 21.59
CA GLU B 247 -6.33 13.80 21.88
C GLU B 247 -6.75 14.52 20.60
N HIS B 248 -5.89 14.55 19.59
CA HIS B 248 -6.27 15.21 18.34
C HIS B 248 -7.38 14.46 17.63
N ALA B 249 -7.30 13.13 17.57
CA ALA B 249 -8.36 12.36 16.93
C ALA B 249 -9.68 12.53 17.67
N GLN B 250 -9.65 12.69 18.99
CA GLN B 250 -10.87 12.97 19.75
C GLN B 250 -11.49 14.29 19.31
N MET B 251 -10.67 15.33 19.19
CA MET B 251 -11.19 16.63 18.73
C MET B 251 -11.70 16.56 17.30
N MET B 252 -11.02 15.82 16.42
CA MET B 252 -11.53 15.65 15.06
C MET B 252 -12.89 14.96 15.05
N GLN B 253 -13.11 14.05 16.02
CA GLN B 253 -14.40 13.40 16.14
C GLN B 253 -15.50 14.40 16.50
N ARG B 254 -15.19 15.33 17.41
CA ARG B 254 -16.15 16.36 17.76
C ARG B 254 -16.46 17.26 16.57
N ILE B 255 -15.45 17.59 15.77
CA ILE B 255 -15.67 18.42 14.59
C ILE B 255 -16.56 17.69 13.59
N LYS B 256 -16.32 16.39 13.41
CA LYS B 256 -17.15 15.56 12.55
C LYS B 256 -18.58 15.48 13.08
N LYS B 257 -18.75 15.39 14.40
CA LYS B 257 -20.10 15.28 14.96
C LYS B 257 -20.85 16.61 14.88
N THR B 258 -20.19 17.73 15.21
CA THR B 258 -20.89 18.98 15.46
C THR B 258 -20.81 19.98 14.30
N GLU B 259 -20.04 19.70 13.25
CA GLU B 259 -19.84 20.63 12.14
C GLU B 259 -20.12 19.90 10.82
N THR B 260 -21.38 19.49 10.62
CA THR B 260 -21.70 18.55 9.55
C THR B 260 -21.54 19.16 8.16
N GLU B 261 -21.59 20.48 8.04
CA GLU B 261 -21.41 21.10 6.73
C GLU B 261 -19.95 21.17 6.31
N THR B 262 -19.02 20.93 7.23
CA THR B 262 -17.60 21.01 6.94
C THR B 262 -17.11 19.67 6.40
N SER B 263 -16.36 19.72 5.31
CA SER B 263 -15.92 18.51 4.62
C SER B 263 -14.59 18.01 5.17
N LEU B 264 -14.41 16.69 5.11
CA LEU B 264 -13.15 16.06 5.45
C LEU B 264 -12.60 15.40 4.19
N HIS B 265 -11.34 15.68 3.88
CA HIS B 265 -10.70 15.10 2.71
C HIS B 265 -10.78 13.58 2.74
N PRO B 266 -11.03 12.93 1.61
CA PRO B 266 -11.16 11.46 1.60
C PRO B 266 -10.00 10.72 2.24
N LEU B 267 -8.78 11.22 2.10
CA LEU B 267 -7.63 10.54 2.72
C LEU B 267 -7.72 10.59 4.24
N LEU B 268 -8.15 11.73 4.78
CA LEU B 268 -8.31 11.84 6.24
C LEU B 268 -9.49 11.04 6.73
N GLN B 269 -10.53 10.89 5.92
CA GLN B 269 -11.62 9.97 6.26
C GLN B 269 -11.10 8.56 6.44
N GLU B 270 -10.18 8.13 5.58
CA GLU B 270 -9.61 6.78 5.68
C GLU B 270 -8.65 6.65 6.85
N ILE B 271 -7.86 7.69 7.12
CA ILE B 271 -6.96 7.65 8.28
C ILE B 271 -7.78 7.53 9.56
N TYR B 272 -8.81 8.36 9.70
CA TYR B 272 -9.57 8.45 10.95
C TYR B 272 -10.67 7.40 11.08
N LYS B 273 -10.97 6.64 10.02
CA LYS B 273 -11.96 5.59 10.11
C LYS B 273 -11.56 4.57 11.17
N ASP B 274 -12.27 4.55 12.30
CA ASP B 274 -11.95 3.72 13.48
C ASP B 274 -10.44 3.51 13.70
#